data_3RJW
#
_entry.id   3RJW
#
_cell.length_a   56.580
_cell.length_b   78.083
_cell.length_c   70.252
_cell.angle_alpha   90.000
_cell.angle_beta   92.160
_cell.angle_gamma   90.000
#
_symmetry.space_group_name_H-M   'P 1 21 1'
#
loop_
_entity.id
_entity.type
_entity.pdbx_description
1 polymer 'Histone-lysine N-methyltransferase EHMT2'
2 non-polymer 'ZINC ION'
3 non-polymer S-ADENOSYL-L-HOMOCYSTEINE
4 non-polymer 2-cyclohexyl-6-methoxy-N-[1-(1-methylethyl)piperidin-4-yl]-7-(3-pyrrolidin-1-ylpropoxy)quinazolin-4-amine
5 non-polymer 'UNKNOWN ATOM OR ION'
6 water water
#
_entity_poly.entity_id   1
_entity_poly.type   'polypeptide(L)'
_entity_poly.pdbx_seq_one_letter_code
;GSNRAIRTEKIICRDVARGYENVPIPCVNGVDGEPCPEDYKYISENCETSTMNIDRNITHLQHCTCVDDCSSSNCLCGQL
SIRCWYDKDGRLLQEFNKIEPPLIFECNQACSCWRNCKNRVVQSGIKVRLQLYRTAKMGWGVRALQTIPQGTFICEYVGE
LISDAEADVREDDSYLFDLDNKDGEVYCIDARYYGNISRFINHLCDPNIIPVRVFMLHQDLRFPRIAFFSSRDIRTGEEL
GFDYGDRFWDIKSKYFTCQCGSEKCKHSAEAIALEQSRLARLD
;
_entity_poly.pdbx_strand_id   A,B
#
loop_
_chem_comp.id
_chem_comp.type
_chem_comp.name
_chem_comp.formula
CIQ non-polymer 2-cyclohexyl-6-methoxy-N-[1-(1-methylethyl)piperidin-4-yl]-7-(3-pyrrolidin-1-ylpropoxy)quinazolin-4-amine 'C30 H47 N5 O2'
SAH non-polymer S-ADENOSYL-L-HOMOCYSTEINE 'C14 H20 N6 O5 S'
UNX non-polymer 'UNKNOWN ATOM OR ION' ?
ZN non-polymer 'ZINC ION' 'Zn 2'
#
# COMPACT_ATOMS: atom_id res chain seq x y z
N THR A 8 35.82 17.90 -7.44
CA THR A 8 34.60 18.57 -7.02
C THR A 8 33.44 17.56 -6.93
N GLU A 9 32.42 17.84 -6.08
CA GLU A 9 31.24 16.98 -5.86
C GLU A 9 30.17 17.19 -6.93
N LYS A 10 29.60 16.09 -7.43
CA LYS A 10 28.55 16.15 -8.44
C LYS A 10 27.35 15.30 -8.02
N ILE A 11 26.16 15.62 -8.57
CA ILE A 11 24.92 14.89 -8.31
C ILE A 11 24.82 13.78 -9.34
N ILE A 12 25.02 12.55 -8.90
CA ILE A 12 25.01 11.39 -9.79
C ILE A 12 23.57 11.02 -10.16
N CYS A 13 22.63 11.19 -9.22
CA CYS A 13 21.22 10.84 -9.39
C CYS A 13 20.38 11.70 -8.49
N ARG A 14 19.33 12.31 -9.03
CA ARG A 14 18.39 13.18 -8.29
C ARG A 14 17.58 12.43 -7.23
N ASP A 15 17.26 11.15 -7.51
CA ASP A 15 16.47 10.31 -6.63
C ASP A 15 16.70 8.82 -6.90
N VAL A 16 17.46 8.17 -6.02
CA VAL A 16 17.77 6.74 -6.13
C VAL A 16 16.47 5.90 -5.99
N ALA A 17 15.42 6.48 -5.36
CA ALA A 17 14.13 5.85 -5.07
C ALA A 17 13.10 6.00 -6.21
N ARG A 18 13.48 6.62 -7.33
CA ARG A 18 12.59 6.84 -8.49
C ARG A 18 11.15 7.31 -8.10
N GLY A 19 11.04 8.21 -7.13
CA GLY A 19 9.76 8.76 -6.65
C GLY A 19 8.90 7.89 -5.75
N TYR A 20 9.43 6.74 -5.28
CA TYR A 20 8.70 5.81 -4.39
C TYR A 20 8.65 6.27 -2.93
N GLU A 21 9.53 7.22 -2.56
CA GLU A 21 9.54 7.71 -1.19
C GLU A 21 8.76 9.00 -1.08
N ASN A 22 8.55 9.48 0.15
CA ASN A 22 7.82 10.74 0.39
C ASN A 22 8.71 11.88 -0.03
N VAL A 23 10.03 11.63 -0.02
CA VAL A 23 11.06 12.61 -0.34
C VAL A 23 12.04 12.01 -1.33
N PRO A 24 12.65 12.83 -2.20
CA PRO A 24 13.72 12.26 -3.05
C PRO A 24 14.96 11.95 -2.21
N ILE A 25 15.66 10.86 -2.59
CA ILE A 25 16.92 10.45 -1.98
C ILE A 25 18.00 10.57 -3.07
N PRO A 26 18.63 11.75 -3.17
CA PRO A 26 19.67 11.95 -4.20
C PRO A 26 20.98 11.26 -3.87
N CYS A 27 21.86 11.09 -4.91
CA CYS A 27 23.20 10.47 -4.86
C CYS A 27 24.32 11.43 -5.27
N VAL A 28 25.35 11.57 -4.43
CA VAL A 28 26.46 12.47 -4.73
C VAL A 28 27.80 11.74 -4.54
N ASN A 29 28.81 12.19 -5.23
CA ASN A 29 30.16 11.66 -5.09
C ASN A 29 31.12 12.79 -5.31
N GLY A 30 31.94 13.05 -4.29
CA GLY A 30 33.00 14.05 -4.33
C GLY A 30 34.33 13.50 -3.87
N VAL A 31 34.47 12.16 -3.92
CA VAL A 31 35.65 11.43 -3.46
C VAL A 31 36.36 10.76 -4.64
N ASP A 32 35.61 9.97 -5.43
CA ASP A 32 36.18 9.29 -6.58
C ASP A 32 35.25 9.39 -7.82
N GLY A 33 35.59 8.62 -8.85
CA GLY A 33 34.87 8.60 -10.12
C GLY A 33 33.87 7.47 -10.25
N GLU A 34 33.55 6.77 -9.14
CA GLU A 34 32.57 5.69 -9.08
C GLU A 34 31.14 6.24 -9.30
N PRO A 35 30.36 5.71 -10.28
CA PRO A 35 29.00 6.24 -10.49
C PRO A 35 28.04 5.74 -9.43
N CYS A 36 26.78 6.24 -9.47
CA CYS A 36 25.67 5.89 -8.61
C CYS A 36 25.47 4.36 -8.67
N PRO A 37 25.40 3.63 -7.51
CA PRO A 37 25.26 2.16 -7.59
C PRO A 37 24.06 1.68 -8.39
N GLU A 38 24.26 0.64 -9.20
CA GLU A 38 23.17 0.10 -10.01
C GLU A 38 23.13 -1.44 -9.98
N ASP A 39 23.90 -2.06 -9.07
CA ASP A 39 24.01 -3.51 -8.91
C ASP A 39 22.91 -4.10 -7.98
N TYR A 40 21.75 -3.42 -7.89
CA TYR A 40 20.60 -3.83 -7.06
C TYR A 40 19.32 -3.18 -7.58
N LYS A 41 18.15 -3.64 -7.10
CA LYS A 41 16.86 -3.06 -7.44
C LYS A 41 16.32 -2.31 -6.26
N TYR A 42 16.13 -0.96 -6.40
CA TYR A 42 15.52 -0.12 -5.36
C TYR A 42 14.06 -0.49 -5.21
N ILE A 43 13.62 -0.81 -3.98
CA ILE A 43 12.23 -1.10 -3.59
C ILE A 43 11.91 -0.35 -2.30
N SER A 44 10.72 0.25 -2.22
CA SER A 44 10.31 1.00 -1.03
C SER A 44 9.74 0.09 0.06
N GLU A 45 9.27 -1.12 -0.33
CA GLU A 45 8.63 -2.12 0.52
C GLU A 45 9.20 -3.47 0.28
N ASN A 46 9.29 -4.27 1.36
CA ASN A 46 9.80 -5.64 1.33
C ASN A 46 9.11 -6.46 0.24
N CYS A 47 9.90 -7.35 -0.44
CA CYS A 47 9.40 -8.21 -1.51
C CYS A 47 9.68 -9.65 -1.16
N GLU A 48 9.07 -10.57 -1.93
CA GLU A 48 9.22 -12.03 -1.79
C GLU A 48 9.69 -12.59 -3.11
N THR A 49 10.50 -13.66 -3.04
CA THR A 49 11.02 -14.33 -4.24
C THR A 49 10.63 -15.80 -4.22
N SER A 50 9.82 -16.16 -3.23
CA SER A 50 9.23 -17.48 -2.98
C SER A 50 8.18 -17.24 -1.93
N THR A 51 7.15 -18.11 -1.86
CA THR A 51 6.00 -18.03 -0.95
C THR A 51 6.41 -18.03 0.52
N MET A 52 6.09 -16.94 1.24
CA MET A 52 6.44 -16.83 2.66
C MET A 52 5.25 -17.14 3.57
N ASN A 53 4.05 -17.29 2.97
CA ASN A 53 2.76 -17.53 3.63
C ASN A 53 2.58 -16.65 4.86
N ILE A 54 2.72 -15.33 4.65
CA ILE A 54 2.51 -14.29 5.65
C ILE A 54 1.03 -14.30 6.00
N ASP A 55 0.71 -14.20 7.30
CA ASP A 55 -0.66 -14.22 7.76
C ASP A 55 -1.25 -12.82 7.59
N ARG A 56 -2.05 -12.65 6.52
CA ARG A 56 -2.66 -11.38 6.14
C ARG A 56 -4.17 -11.34 6.43
N ASN A 57 -4.68 -12.35 7.15
CA ASN A 57 -6.09 -12.45 7.52
C ASN A 57 -6.45 -11.30 8.47
N ILE A 58 -7.32 -10.39 7.99
CA ILE A 58 -7.79 -9.19 8.69
C ILE A 58 -8.43 -9.53 10.05
N THR A 59 -9.10 -10.70 10.18
CA THR A 59 -9.75 -11.13 11.43
C THR A 59 -8.72 -11.58 12.49
N HIS A 60 -7.46 -11.82 12.07
CA HIS A 60 -6.36 -12.24 12.95
C HIS A 60 -5.65 -11.03 13.52
N LEU A 61 -6.07 -9.82 13.11
CA LEU A 61 -5.45 -8.58 13.57
C LEU A 61 -6.00 -8.14 14.89
N GLN A 62 -5.08 -7.90 15.84
CA GLN A 62 -5.42 -7.31 17.11
C GLN A 62 -5.47 -5.83 16.81
N HIS A 63 -6.54 -5.17 17.25
CA HIS A 63 -6.78 -3.77 16.96
C HIS A 63 -7.38 -3.09 18.17
N CYS A 64 -7.50 -1.76 18.11
CA CYS A 64 -8.07 -0.92 19.14
C CYS A 64 -9.50 -0.47 18.77
N THR A 65 -10.23 0.02 19.77
CA THR A 65 -11.61 0.51 19.61
C THR A 65 -11.64 2.03 19.89
N CYS A 66 -10.52 2.71 19.63
CA CYS A 66 -10.35 4.13 19.89
C CYS A 66 -11.13 5.03 18.97
N VAL A 67 -11.91 5.91 19.58
CA VAL A 67 -12.70 6.95 18.93
C VAL A 67 -11.93 8.28 19.00
N ASP A 68 -10.78 8.29 19.74
CA ASP A 68 -9.91 9.46 19.86
C ASP A 68 -8.76 9.35 18.83
N ASP A 69 -7.56 9.90 19.12
CA ASP A 69 -6.41 9.85 18.20
C ASP A 69 -5.36 8.81 18.68
N CYS A 70 -5.79 7.87 19.53
CA CYS A 70 -5.00 6.81 20.17
C CYS A 70 -3.87 7.36 21.10
N SER A 71 -4.16 8.45 21.85
CA SER A 71 -3.25 9.09 22.81
C SER A 71 -3.47 8.58 24.25
N SER A 72 -4.49 7.73 24.45
CA SER A 72 -4.87 7.22 25.76
C SER A 72 -4.18 5.91 26.11
N SER A 73 -4.17 5.59 27.44
CA SER A 73 -3.62 4.37 28.04
C SER A 73 -4.46 3.14 27.62
N ASN A 74 -5.70 3.39 27.12
CA ASN A 74 -6.67 2.36 26.72
C ASN A 74 -6.53 1.84 25.29
N CYS A 75 -5.60 2.40 24.47
CA CYS A 75 -5.37 1.93 23.10
C CYS A 75 -4.75 0.53 23.20
N LEU A 76 -5.50 -0.51 22.77
CA LEU A 76 -5.06 -1.91 22.80
C LEU A 76 -3.72 -2.06 22.07
N CYS A 77 -3.56 -1.34 20.94
CA CYS A 77 -2.35 -1.35 20.14
C CYS A 77 -1.15 -0.80 20.91
N GLY A 78 -1.37 0.27 21.69
CA GLY A 78 -0.37 0.86 22.56
C GLY A 78 0.02 -0.13 23.65
N GLN A 79 -0.99 -0.82 24.21
CA GLN A 79 -0.83 -1.84 25.26
C GLN A 79 0.00 -3.04 24.76
N LEU A 80 -0.20 -3.46 23.49
CA LEU A 80 0.53 -4.57 22.88
C LEU A 80 2.01 -4.24 22.79
N SER A 81 2.33 -2.93 22.68
CA SER A 81 3.68 -2.36 22.62
C SER A 81 4.16 -1.95 24.03
N ILE A 82 3.50 -2.44 25.12
CA ILE A 82 3.72 -2.10 26.55
C ILE A 82 2.95 -0.79 26.84
N ARG A 83 3.28 0.25 26.07
CA ARG A 83 2.69 1.59 26.01
C ARG A 83 3.02 2.11 24.61
N CYS A 84 2.28 3.10 24.11
CA CYS A 84 2.61 3.70 22.82
C CYS A 84 3.81 4.59 23.12
N TRP A 85 4.92 4.33 22.43
CA TRP A 85 6.22 4.95 22.63
C TRP A 85 6.43 6.23 21.82
N TYR A 86 5.40 6.66 21.09
CA TYR A 86 5.49 7.86 20.25
C TYR A 86 4.95 9.06 20.98
N ASP A 87 5.61 10.22 20.81
CA ASP A 87 5.13 11.46 21.40
C ASP A 87 4.16 12.12 20.39
N LYS A 88 3.73 13.36 20.68
CA LYS A 88 2.80 14.15 19.86
C LYS A 88 3.31 14.34 18.43
N ASP A 89 4.65 14.45 18.28
CA ASP A 89 5.34 14.68 17.01
C ASP A 89 5.83 13.39 16.35
N GLY A 90 5.56 12.24 16.97
CA GLY A 90 5.93 10.94 16.39
C GLY A 90 7.31 10.40 16.73
N ARG A 91 7.99 11.07 17.66
CA ARG A 91 9.30 10.66 18.13
C ARG A 91 9.19 9.70 19.30
N LEU A 92 10.10 8.71 19.37
CA LEU A 92 10.14 7.79 20.51
C LEU A 92 10.45 8.55 21.80
N LEU A 93 9.76 8.17 22.89
CA LEU A 93 9.95 8.76 24.24
C LEU A 93 11.37 8.48 24.76
N GLN A 94 11.94 9.39 25.57
CA GLN A 94 13.30 9.24 26.12
C GLN A 94 13.45 7.93 26.92
N GLU A 95 12.41 7.58 27.70
CA GLU A 95 12.32 6.36 28.51
C GLU A 95 12.37 5.04 27.68
N PHE A 96 12.28 5.13 26.32
CA PHE A 96 12.33 3.98 25.40
C PHE A 96 13.63 3.21 25.57
N ASN A 97 13.52 1.89 25.83
CA ASN A 97 14.69 1.03 26.01
C ASN A 97 15.39 0.90 24.67
N LYS A 98 16.56 1.55 24.55
CA LYS A 98 17.38 1.59 23.33
C LYS A 98 18.32 0.38 23.20
N ILE A 99 18.66 -0.27 24.34
CA ILE A 99 19.51 -1.47 24.39
C ILE A 99 18.69 -2.72 24.00
N GLU A 100 17.57 -2.97 24.74
CA GLU A 100 16.62 -4.08 24.50
C GLU A 100 15.22 -3.49 24.17
N PRO A 101 15.00 -3.08 22.89
CA PRO A 101 13.72 -2.42 22.55
C PRO A 101 12.51 -3.34 22.43
N PRO A 102 11.30 -2.84 22.78
CA PRO A 102 10.10 -3.68 22.62
C PRO A 102 9.56 -3.68 21.20
N LEU A 103 8.68 -4.65 20.89
CA LEU A 103 7.98 -4.75 19.62
C LEU A 103 6.97 -3.60 19.59
N ILE A 104 6.82 -2.95 18.43
CA ILE A 104 5.84 -1.87 18.28
C ILE A 104 4.70 -2.38 17.41
N PHE A 105 3.48 -2.30 17.93
CA PHE A 105 2.27 -2.70 17.22
C PHE A 105 1.55 -1.42 16.87
N GLU A 106 1.74 -0.97 15.63
CA GLU A 106 1.12 0.26 15.16
C GLU A 106 -0.35 -0.03 14.86
N CYS A 107 -1.17 1.01 14.79
CA CYS A 107 -2.56 0.81 14.40
C CYS A 107 -2.64 0.29 12.97
N ASN A 108 -3.73 -0.40 12.67
CA ASN A 108 -3.90 -1.04 11.37
C ASN A 108 -5.29 -0.76 10.79
N GLN A 109 -5.58 -1.32 9.62
CA GLN A 109 -6.85 -1.20 8.90
C GLN A 109 -8.04 -1.85 9.65
N ALA A 110 -7.79 -2.58 10.77
CA ALA A 110 -8.90 -3.19 11.53
C ALA A 110 -9.29 -2.31 12.73
N CYS A 111 -8.44 -1.30 13.06
CA CYS A 111 -8.71 -0.33 14.14
C CYS A 111 -9.86 0.56 13.75
N SER A 112 -10.49 1.16 14.74
CA SER A 112 -11.62 2.06 14.57
C SER A 112 -11.17 3.51 14.41
N CYS A 113 -9.90 3.77 14.71
CA CYS A 113 -9.27 5.08 14.64
C CYS A 113 -9.06 5.51 13.19
N TRP A 114 -8.61 6.76 13.03
CA TRP A 114 -8.32 7.33 11.73
C TRP A 114 -6.87 7.04 11.33
N ARG A 115 -6.60 7.11 10.02
CA ARG A 115 -5.31 6.90 9.37
C ARG A 115 -4.22 7.85 9.91
N ASN A 116 -4.62 8.97 10.53
CA ASN A 116 -3.69 9.97 11.07
C ASN A 116 -3.60 9.96 12.62
N CYS A 117 -3.85 8.79 13.26
CA CYS A 117 -3.80 8.67 14.73
C CYS A 117 -2.33 8.75 15.21
N LYS A 118 -2.07 8.91 16.52
CA LYS A 118 -0.70 9.04 17.00
C LYS A 118 0.13 7.70 16.99
N ASN A 119 -0.46 6.54 16.61
CA ASN A 119 0.27 5.24 16.58
C ASN A 119 0.43 4.71 15.12
N ARG A 120 0.89 5.56 14.19
CA ARG A 120 1.07 5.20 12.78
C ARG A 120 2.34 5.87 12.12
N VAL A 121 3.45 5.92 12.87
CA VAL A 121 4.69 6.59 12.49
C VAL A 121 5.48 5.92 11.31
N VAL A 122 5.85 4.66 11.48
CA VAL A 122 6.62 3.92 10.49
C VAL A 122 5.80 3.72 9.19
N GLN A 123 4.50 3.42 9.29
CA GLN A 123 3.65 3.20 8.12
C GLN A 123 3.47 4.49 7.28
N SER A 124 3.82 5.66 7.84
CA SER A 124 3.70 6.93 7.12
C SER A 124 4.98 7.28 6.34
N GLY A 125 5.95 6.37 6.37
CA GLY A 125 7.22 6.46 5.64
C GLY A 125 8.21 7.55 6.06
N ILE A 126 9.23 7.74 5.22
CA ILE A 126 10.37 8.65 5.38
C ILE A 126 9.93 10.10 5.37
N LYS A 127 10.36 10.83 6.41
CA LYS A 127 10.04 12.26 6.54
C LYS A 127 11.31 13.15 6.54
N VAL A 128 12.48 12.58 6.92
CA VAL A 128 13.76 13.28 6.98
C VAL A 128 14.44 13.28 5.61
N ARG A 129 15.33 14.28 5.42
CA ARG A 129 16.10 14.46 4.20
C ARG A 129 17.40 13.71 4.31
N LEU A 130 17.53 12.72 3.43
CA LEU A 130 18.68 11.84 3.40
C LEU A 130 19.42 11.97 2.09
N GLN A 131 20.70 11.61 2.13
CA GLN A 131 21.55 11.62 0.95
C GLN A 131 22.39 10.38 0.90
N LEU A 132 22.51 9.81 -0.30
CA LEU A 132 23.42 8.70 -0.56
C LEU A 132 24.68 9.39 -1.03
N TYR A 133 25.78 9.13 -0.35
CA TYR A 133 27.05 9.78 -0.69
C TYR A 133 28.22 8.80 -0.61
N ARG A 134 29.34 9.16 -1.29
CA ARG A 134 30.57 8.37 -1.30
C ARG A 134 31.45 8.84 -0.12
N THR A 135 31.80 7.87 0.77
CA THR A 135 32.64 8.11 1.95
C THR A 135 34.12 8.04 1.60
N ALA A 136 35.01 8.21 2.60
CA ALA A 136 36.46 8.20 2.39
C ALA A 136 37.10 6.80 2.51
N LYS A 137 36.55 5.89 3.35
CA LYS A 137 37.12 4.56 3.57
C LYS A 137 36.06 3.45 3.78
N MET A 138 34.74 3.77 3.63
CA MET A 138 33.64 2.81 3.81
C MET A 138 32.72 2.65 2.56
N GLY A 139 33.14 3.17 1.40
CA GLY A 139 32.37 3.10 0.18
C GLY A 139 31.19 4.05 0.21
N TRP A 140 29.99 3.57 -0.12
CA TRP A 140 28.79 4.41 -0.05
C TRP A 140 28.22 4.42 1.36
N GLY A 141 27.73 5.57 1.76
CA GLY A 141 27.11 5.77 3.06
C GLY A 141 25.88 6.63 2.95
N VAL A 142 25.17 6.79 4.06
CA VAL A 142 23.96 7.63 4.12
C VAL A 142 24.16 8.70 5.18
N ARG A 143 24.05 9.97 4.79
CA ARG A 143 24.16 11.10 5.71
C ARG A 143 22.87 11.91 5.76
N ALA A 144 22.74 12.75 6.81
CA ALA A 144 21.58 13.59 7.00
C ALA A 144 21.77 14.94 6.30
N LEU A 145 20.74 15.42 5.61
CA LEU A 145 20.72 16.72 4.93
C LEU A 145 20.05 17.76 5.79
N GLN A 146 19.61 17.35 6.99
CA GLN A 146 18.93 18.18 7.98
C GLN A 146 19.26 17.73 9.40
N THR A 147 18.95 18.56 10.39
CA THR A 147 19.14 18.17 11.78
C THR A 147 18.01 17.21 12.13
N ILE A 148 18.33 16.12 12.83
CA ILE A 148 17.36 15.09 13.20
C ILE A 148 17.34 14.89 14.72
N PRO A 149 16.21 15.22 15.39
CA PRO A 149 16.12 15.02 16.84
C PRO A 149 16.05 13.54 17.20
N GLN A 150 16.46 13.19 18.44
CA GLN A 150 16.44 11.83 18.99
C GLN A 150 15.01 11.24 18.94
N GLY A 151 14.93 9.96 18.58
CA GLY A 151 13.67 9.24 18.51
C GLY A 151 12.89 9.41 17.23
N THR A 152 13.44 10.14 16.24
CA THR A 152 12.80 10.37 14.94
C THR A 152 12.94 9.13 14.07
N PHE A 153 11.86 8.73 13.42
CA PHE A 153 11.90 7.63 12.47
C PHE A 153 12.71 8.12 11.27
N ILE A 154 13.67 7.29 10.82
CA ILE A 154 14.56 7.59 9.70
C ILE A 154 14.07 6.89 8.41
N CYS A 155 14.11 5.55 8.41
CA CYS A 155 13.77 4.67 7.29
C CYS A 155 13.67 3.21 7.77
N GLU A 156 13.19 2.34 6.87
CA GLU A 156 13.00 0.93 7.12
C GLU A 156 14.09 0.09 6.46
N TYR A 157 14.50 -1.03 7.10
CA TYR A 157 15.46 -1.92 6.45
C TYR A 157 14.64 -2.79 5.50
N VAL A 158 14.56 -2.34 4.24
CA VAL A 158 13.78 -2.99 3.19
C VAL A 158 14.69 -3.90 2.35
N GLY A 159 14.21 -5.11 2.10
CA GLY A 159 14.90 -6.10 1.29
C GLY A 159 14.00 -7.25 0.87
N GLU A 160 14.64 -8.34 0.52
CA GLU A 160 14.03 -9.58 0.05
C GLU A 160 13.84 -10.50 1.24
N LEU A 161 12.60 -11.00 1.44
CA LEU A 161 12.29 -11.92 2.54
C LEU A 161 12.69 -13.32 2.12
N ILE A 162 13.67 -13.88 2.83
CA ILE A 162 14.26 -15.20 2.56
C ILE A 162 14.31 -16.07 3.84
N SER A 163 14.38 -17.39 3.66
CA SER A 163 14.42 -18.34 4.78
C SER A 163 15.87 -18.51 5.26
N ASP A 164 16.08 -19.13 6.45
CA ASP A 164 17.41 -19.37 7.00
C ASP A 164 18.21 -20.30 6.09
N ALA A 165 17.52 -21.33 5.53
CA ALA A 165 18.07 -22.30 4.58
C ALA A 165 18.55 -21.60 3.31
N GLU A 166 17.85 -20.53 2.89
CA GLU A 166 18.18 -19.70 1.74
C GLU A 166 19.37 -18.79 2.06
N ALA A 167 19.38 -18.15 3.26
CA ALA A 167 20.47 -17.26 3.72
C ALA A 167 21.82 -18.01 3.78
N ASP A 168 21.74 -19.33 4.13
CA ASP A 168 22.88 -20.24 4.24
C ASP A 168 23.38 -20.72 2.88
N VAL A 169 22.62 -20.46 1.80
CA VAL A 169 23.02 -20.82 0.44
C VAL A 169 23.49 -19.58 -0.36
N ARG A 170 23.45 -18.37 0.24
CA ARG A 170 23.85 -17.14 -0.46
C ARG A 170 25.32 -16.80 -0.26
N GLU A 171 26.01 -16.45 -1.36
CA GLU A 171 27.43 -16.09 -1.34
C GLU A 171 27.66 -14.77 -0.60
N ASP A 172 26.94 -13.70 -0.99
CA ASP A 172 27.05 -12.37 -0.38
C ASP A 172 26.10 -12.22 0.84
N ASP A 173 26.71 -12.15 2.05
CA ASP A 173 26.01 -12.02 3.33
C ASP A 173 26.20 -10.64 4.00
N SER A 174 26.74 -9.66 3.26
CA SER A 174 27.01 -8.30 3.76
C SER A 174 25.74 -7.41 3.82
N TYR A 175 24.55 -7.96 3.44
CA TYR A 175 23.29 -7.23 3.42
C TYR A 175 22.16 -7.99 4.15
N LEU A 176 22.54 -8.97 4.99
CA LEU A 176 21.54 -9.75 5.73
C LEU A 176 21.16 -9.13 7.06
N PHE A 177 19.86 -9.01 7.32
CA PHE A 177 19.32 -8.57 8.61
C PHE A 177 18.56 -9.79 9.17
N ASP A 178 18.95 -10.23 10.38
CA ASP A 178 18.31 -11.38 11.00
C ASP A 178 17.03 -11.02 11.73
N LEU A 179 15.98 -11.86 11.54
CA LEU A 179 14.67 -11.72 12.18
C LEU A 179 14.49 -12.99 13.04
N ASP A 180 15.12 -13.00 14.23
CA ASP A 180 15.03 -14.12 15.18
C ASP A 180 13.92 -13.84 16.22
N ASN A 181 12.99 -14.80 16.42
CA ASN A 181 11.85 -14.68 17.37
C ASN A 181 12.16 -15.42 18.70
N LYS A 182 11.28 -15.25 19.72
CA LYS A 182 11.40 -15.80 21.08
C LYS A 182 11.93 -17.25 21.10
N ASP A 183 11.15 -18.20 20.55
CA ASP A 183 11.50 -19.61 20.44
C ASP A 183 10.80 -20.16 19.18
N GLY A 184 11.39 -19.85 18.02
CA GLY A 184 10.85 -20.27 16.74
C GLY A 184 11.75 -20.11 15.53
N GLU A 185 11.11 -20.03 14.34
CA GLU A 185 11.68 -19.90 13.00
C GLU A 185 12.69 -18.74 12.84
N VAL A 186 13.55 -18.86 11.82
CA VAL A 186 14.56 -17.89 11.49
C VAL A 186 14.37 -17.46 10.05
N TYR A 187 14.14 -16.16 9.85
CA TYR A 187 13.91 -15.54 8.55
C TYR A 187 14.80 -14.30 8.41
N CYS A 188 15.18 -13.98 7.16
CA CYS A 188 16.08 -12.88 6.86
C CYS A 188 15.50 -11.89 5.87
N ILE A 189 16.05 -10.68 5.92
CA ILE A 189 15.83 -9.63 4.95
C ILE A 189 17.19 -9.50 4.26
N ASP A 190 17.24 -9.84 2.97
CA ASP A 190 18.46 -9.69 2.20
C ASP A 190 18.30 -8.47 1.32
N ALA A 191 19.14 -7.45 1.55
CA ALA A 191 19.09 -6.21 0.78
C ALA A 191 20.23 -6.15 -0.27
N ARG A 192 20.69 -7.32 -0.74
CA ARG A 192 21.74 -7.38 -1.76
C ARG A 192 21.17 -7.19 -3.18
N TYR A 193 20.09 -7.89 -3.53
CA TYR A 193 19.55 -7.82 -4.90
C TYR A 193 18.42 -6.83 -5.02
N TYR A 194 17.62 -6.74 -3.95
CA TYR A 194 16.45 -5.86 -3.76
C TYR A 194 16.61 -5.19 -2.40
N GLY A 195 16.52 -3.86 -2.38
CA GLY A 195 16.63 -3.11 -1.13
C GLY A 195 16.33 -1.64 -1.28
N ASN A 196 16.36 -0.91 -0.17
CA ASN A 196 16.12 0.51 -0.26
C ASN A 196 17.39 1.28 0.18
N ILE A 197 17.24 2.54 0.58
CA ILE A 197 18.30 3.41 1.04
C ILE A 197 19.09 2.83 2.26
N SER A 198 18.43 2.04 3.12
CA SER A 198 19.04 1.50 4.34
C SER A 198 20.13 0.47 4.05
N ARG A 199 20.23 0.02 2.77
CA ARG A 199 21.24 -0.95 2.37
C ARG A 199 22.61 -0.30 2.27
N PHE A 200 22.65 1.06 2.33
CA PHE A 200 23.90 1.80 2.24
C PHE A 200 24.32 2.36 3.61
N ILE A 201 23.57 2.01 4.66
CA ILE A 201 23.89 2.50 6.01
C ILE A 201 25.06 1.66 6.55
N ASN A 202 26.18 2.32 6.86
CA ASN A 202 27.39 1.68 7.36
C ASN A 202 27.35 1.39 8.85
N HIS A 203 28.33 0.61 9.33
CA HIS A 203 28.46 0.28 10.74
C HIS A 203 29.22 1.40 11.42
N LEU A 204 28.72 1.84 12.58
CA LEU A 204 29.41 2.82 13.40
C LEU A 204 29.56 2.25 14.80
N CYS A 205 30.79 2.29 15.35
CA CYS A 205 31.06 1.83 16.72
C CYS A 205 30.37 2.73 17.73
N ASP A 206 30.17 4.03 17.35
CA ASP A 206 29.39 5.05 18.07
C ASP A 206 28.16 5.26 17.16
N PRO A 207 27.08 4.44 17.30
CA PRO A 207 25.95 4.57 16.38
C PRO A 207 24.96 5.66 16.76
N ASN A 208 24.29 6.22 15.75
CA ASN A 208 23.31 7.27 15.97
C ASN A 208 21.89 6.81 15.62
N ILE A 209 21.73 5.56 15.14
CA ILE A 209 20.41 5.01 14.81
C ILE A 209 20.30 3.60 15.44
N ILE A 210 19.06 3.19 15.79
CA ILE A 210 18.77 1.89 16.38
C ILE A 210 17.67 1.15 15.61
N PRO A 211 17.80 -0.18 15.42
CA PRO A 211 16.73 -0.92 14.73
C PRO A 211 15.62 -1.33 15.71
N VAL A 212 14.36 -1.24 15.24
CA VAL A 212 13.16 -1.60 16.02
C VAL A 212 12.24 -2.49 15.18
N ARG A 213 11.75 -3.59 15.80
CA ARG A 213 10.84 -4.54 15.18
C ARG A 213 9.44 -3.96 15.27
N VAL A 214 8.80 -3.75 14.11
CA VAL A 214 7.48 -3.11 14.03
C VAL A 214 6.50 -3.97 13.27
N PHE A 215 5.23 -3.91 13.71
CA PHE A 215 4.08 -4.55 13.12
C PHE A 215 3.09 -3.46 12.74
N MET A 216 2.57 -3.55 11.51
CA MET A 216 1.62 -2.60 10.97
C MET A 216 0.43 -3.33 10.34
N LEU A 217 0.42 -3.53 9.00
CA LEU A 217 -0.69 -4.12 8.26
C LEU A 217 -0.92 -5.62 8.50
N HIS A 218 0.03 -6.30 9.12
CA HIS A 218 -0.07 -7.73 9.49
C HIS A 218 0.58 -7.90 10.86
N GLN A 219 0.30 -9.00 11.54
CA GLN A 219 0.89 -9.30 12.83
C GLN A 219 1.45 -10.73 12.86
N ASP A 220 1.99 -11.18 11.68
CA ASP A 220 2.66 -12.46 11.54
C ASP A 220 4.01 -12.25 12.21
N LEU A 221 4.13 -12.73 13.45
CA LEU A 221 5.30 -12.56 14.32
C LEU A 221 6.62 -13.06 13.73
N ARG A 222 6.58 -13.86 12.64
CA ARG A 222 7.80 -14.37 11.99
C ARG A 222 8.35 -13.31 11.07
N PHE A 223 7.53 -12.25 10.79
CA PHE A 223 7.92 -11.23 9.84
C PHE A 223 7.89 -9.79 10.41
N PRO A 224 8.69 -9.44 11.48
CA PRO A 224 8.70 -8.04 11.90
C PRO A 224 9.35 -7.17 10.83
N ARG A 225 8.97 -5.90 10.77
CA ARG A 225 9.57 -4.96 9.82
C ARG A 225 10.54 -4.13 10.65
N ILE A 226 11.73 -3.89 10.10
CA ILE A 226 12.80 -3.18 10.80
C ILE A 226 12.71 -1.65 10.57
N ALA A 227 12.53 -0.88 11.65
CA ALA A 227 12.49 0.58 11.57
C ALA A 227 13.68 1.14 12.28
N PHE A 228 14.39 2.04 11.60
CA PHE A 228 15.52 2.76 12.16
C PHE A 228 15.03 4.07 12.71
N PHE A 229 15.37 4.32 13.98
CA PHE A 229 15.08 5.53 14.75
C PHE A 229 16.38 6.12 15.22
N SER A 230 16.46 7.45 15.29
CA SER A 230 17.66 8.12 15.79
C SER A 230 17.80 7.81 17.26
N SER A 231 19.03 7.48 17.69
CA SER A 231 19.33 7.14 19.08
C SER A 231 19.85 8.37 19.86
N ARG A 232 19.98 9.52 19.15
CA ARG A 232 20.41 10.82 19.67
C ARG A 232 20.16 11.91 18.63
N ASP A 233 20.43 13.19 18.97
CA ASP A 233 20.28 14.30 18.04
C ASP A 233 21.39 14.23 16.99
N ILE A 234 21.00 14.22 15.71
CA ILE A 234 21.95 14.09 14.61
C ILE A 234 22.13 15.43 13.90
N ARG A 235 23.38 15.90 13.81
CA ARG A 235 23.75 17.14 13.13
C ARG A 235 23.62 16.96 11.60
N THR A 236 23.54 18.08 10.85
CA THR A 236 23.45 18.06 9.39
C THR A 236 24.80 17.58 8.84
N GLY A 237 24.77 16.76 7.80
CA GLY A 237 25.97 16.21 7.19
C GLY A 237 26.50 14.95 7.84
N GLU A 238 26.09 14.70 9.10
CA GLU A 238 26.49 13.55 9.91
C GLU A 238 26.04 12.22 9.31
N GLU A 239 26.97 11.28 9.21
CA GLU A 239 26.69 9.97 8.64
C GLU A 239 25.92 9.12 9.64
N LEU A 240 24.87 8.46 9.13
CA LEU A 240 24.02 7.56 9.91
C LEU A 240 24.65 6.18 9.94
N GLY A 241 24.43 5.48 11.05
CA GLY A 241 24.98 4.17 11.25
C GLY A 241 24.46 3.49 12.49
N PHE A 242 24.37 2.18 12.42
CA PHE A 242 23.94 1.33 13.52
C PHE A 242 25.01 0.26 13.78
N ASP A 243 24.96 -0.37 14.95
CA ASP A 243 25.88 -1.43 15.31
C ASP A 243 25.42 -2.71 14.61
N TYR A 244 26.25 -3.26 13.72
CA TYR A 244 25.97 -4.50 12.99
C TYR A 244 25.99 -5.72 13.93
N GLY A 245 26.61 -5.57 15.09
CA GLY A 245 26.74 -6.64 16.07
C GLY A 245 28.07 -7.35 15.92
N ASP A 246 28.53 -8.00 17.00
CA ASP A 246 29.82 -8.73 17.03
C ASP A 246 29.85 -9.89 16.02
N ARG A 247 28.69 -10.50 15.68
CA ARG A 247 28.57 -11.59 14.69
C ARG A 247 29.12 -11.18 13.31
N PHE A 248 28.92 -9.91 12.90
CA PHE A 248 29.43 -9.38 11.63
C PHE A 248 30.96 -9.29 11.64
N TRP A 249 31.52 -8.72 12.74
CA TRP A 249 32.97 -8.52 12.92
C TRP A 249 33.69 -9.83 13.21
N ASP A 250 32.94 -10.84 13.68
CA ASP A 250 33.50 -12.16 13.89
C ASP A 250 33.58 -12.87 12.52
N ILE A 251 32.57 -12.58 11.64
CA ILE A 251 32.48 -13.13 10.29
C ILE A 251 33.51 -12.48 9.38
N LYS A 252 33.51 -11.15 9.32
CA LYS A 252 34.41 -10.36 8.50
C LYS A 252 35.56 -9.83 9.36
N TYR A 255 38.46 -10.19 7.19
CA TYR A 255 38.71 -9.83 5.79
C TYR A 255 38.88 -8.30 5.60
N PHE A 256 38.27 -7.47 6.49
CA PHE A 256 38.36 -6.00 6.52
C PHE A 256 38.02 -5.45 7.92
N THR A 257 38.78 -4.44 8.36
CA THR A 257 38.63 -3.83 9.68
C THR A 257 37.68 -2.58 9.64
N CYS A 258 37.15 -2.16 10.81
CA CYS A 258 36.22 -1.02 10.92
C CYS A 258 36.92 0.32 10.66
N GLN A 259 36.38 1.08 9.71
CA GLN A 259 36.92 2.39 9.31
C GLN A 259 36.04 3.55 9.84
N CYS A 260 35.17 3.28 10.85
CA CYS A 260 34.29 4.30 11.43
C CYS A 260 35.09 5.50 11.99
N GLY A 261 36.31 5.23 12.44
CA GLY A 261 37.22 6.24 12.96
C GLY A 261 36.85 6.84 14.31
N SER A 262 35.91 6.22 15.05
CA SER A 262 35.49 6.71 16.37
C SER A 262 36.59 6.48 17.39
N GLU A 263 36.67 7.36 18.41
CA GLU A 263 37.63 7.25 19.51
C GLU A 263 37.29 6.01 20.37
N LYS A 264 35.97 5.68 20.41
CA LYS A 264 35.42 4.52 21.11
C LYS A 264 35.16 3.35 20.12
N CYS A 265 36.06 3.18 19.11
CA CYS A 265 35.98 2.12 18.11
C CYS A 265 36.35 0.78 18.74
N LYS A 266 35.45 -0.19 18.66
CA LYS A 266 35.63 -1.53 19.22
C LYS A 266 36.10 -2.55 18.19
N HIS A 267 36.06 -2.18 16.89
CA HIS A 267 36.41 -3.12 15.83
C HIS A 267 37.43 -2.59 14.85
N SER A 268 38.34 -1.70 15.29
CA SER A 268 39.45 -1.23 14.44
C SER A 268 40.55 -2.29 14.51
N ALA A 269 41.56 -2.18 13.62
CA ALA A 269 42.71 -3.08 13.59
C ALA A 269 43.53 -2.91 14.88
N GLU A 270 43.55 -1.66 15.43
CA GLU A 270 44.21 -1.24 16.67
C GLU A 270 43.53 -1.88 17.89
N ALA A 271 42.17 -1.91 17.88
CA ALA A 271 41.35 -2.49 18.94
C ALA A 271 41.42 -4.01 18.92
N ILE A 272 41.40 -4.61 17.69
CA ILE A 272 41.48 -6.05 17.47
C ILE A 272 42.81 -6.61 17.98
N ALA A 273 43.93 -5.91 17.67
CA ALA A 273 45.30 -6.28 18.07
C ALA A 273 45.53 -6.15 19.57
N LEU A 274 44.79 -5.22 20.24
CA LEU A 274 44.87 -5.00 21.68
C LEU A 274 44.17 -6.15 22.44
N GLU A 275 43.03 -6.66 21.90
CA GLU A 275 42.26 -7.75 22.47
C GLU A 275 43.02 -9.08 22.38
N GLN A 276 43.63 -9.37 21.22
CA GLN A 276 44.43 -10.57 20.98
C GLN A 276 45.68 -10.58 21.86
N SER A 277 46.19 -9.38 22.23
CA SER A 277 47.34 -9.21 23.11
C SER A 277 46.90 -9.29 24.57
N ILE B 11 -24.09 18.30 6.88
CA ILE B 11 -23.14 17.18 6.80
C ILE B 11 -23.13 16.39 8.11
N ILE B 12 -23.57 15.12 8.04
CA ILE B 12 -23.62 14.23 9.19
C ILE B 12 -22.20 13.67 9.52
N CYS B 13 -21.47 13.12 8.52
CA CYS B 13 -20.09 12.63 8.76
C CYS B 13 -19.08 13.31 7.82
N ARG B 14 -17.95 13.83 8.35
CA ARG B 14 -16.93 14.54 7.57
C ARG B 14 -16.18 13.65 6.59
N ASP B 15 -15.92 12.38 6.99
CA ASP B 15 -15.17 11.41 6.18
C ASP B 15 -15.47 9.97 6.58
N VAL B 16 -16.25 9.28 5.74
CA VAL B 16 -16.60 7.87 5.97
C VAL B 16 -15.36 6.97 5.91
N ALA B 17 -14.29 7.46 5.24
CA ALA B 17 -13.02 6.74 5.04
C ALA B 17 -12.00 6.94 6.17
N ARG B 18 -12.36 7.69 7.24
CA ARG B 18 -11.49 7.96 8.39
C ARG B 18 -10.02 8.34 7.97
N GLY B 19 -9.87 9.15 6.93
CA GLY B 19 -8.57 9.61 6.42
C GLY B 19 -7.73 8.63 5.61
N TYR B 20 -8.30 7.49 5.21
CA TYR B 20 -7.61 6.46 4.41
C TYR B 20 -7.54 6.80 2.94
N GLU B 21 -8.36 7.74 2.46
CA GLU B 21 -8.34 8.11 1.05
C GLU B 21 -7.49 9.34 0.83
N ASN B 22 -7.27 9.72 -0.46
CA ASN B 22 -6.51 10.93 -0.78
C ASN B 22 -7.33 12.14 -0.44
N VAL B 23 -8.65 11.96 -0.45
CA VAL B 23 -9.64 13.00 -0.23
C VAL B 23 -10.65 12.51 0.80
N PRO B 24 -11.25 13.41 1.59
CA PRO B 24 -12.33 12.97 2.47
C PRO B 24 -13.59 12.63 1.66
N ILE B 25 -14.33 11.61 2.12
CA ILE B 25 -15.61 11.20 1.54
C ILE B 25 -16.68 11.45 2.61
N PRO B 26 -17.25 12.68 2.61
CA PRO B 26 -18.29 13.00 3.61
C PRO B 26 -19.63 12.34 3.33
N CYS B 27 -20.48 12.30 4.36
CA CYS B 27 -21.79 11.68 4.27
C CYS B 27 -22.89 12.68 4.68
N VAL B 28 -23.94 12.79 3.84
CA VAL B 28 -25.08 13.69 4.12
C VAL B 28 -26.43 12.95 4.02
N ASN B 29 -27.47 13.51 4.66
CA ASN B 29 -28.84 13.00 4.58
C ASN B 29 -29.80 14.16 4.74
N GLY B 30 -30.59 14.37 3.69
CA GLY B 30 -31.62 15.39 3.63
C GLY B 30 -32.95 14.83 3.17
N VAL B 31 -33.13 13.51 3.35
CA VAL B 31 -34.33 12.79 2.94
C VAL B 31 -35.05 12.21 4.16
N ASP B 32 -34.33 11.44 5.00
CA ASP B 32 -34.91 10.83 6.17
C ASP B 32 -34.01 10.97 7.40
N GLY B 33 -34.38 10.27 8.48
CA GLY B 33 -33.70 10.30 9.75
C GLY B 33 -32.71 9.20 9.98
N GLU B 34 -32.35 8.46 8.91
CA GLU B 34 -31.37 7.37 8.96
C GLU B 34 -29.95 7.94 9.16
N PRO B 35 -29.16 7.48 10.18
CA PRO B 35 -27.80 8.03 10.34
C PRO B 35 -26.83 7.47 9.32
N CYS B 36 -25.59 7.99 9.23
CA CYS B 36 -24.63 7.46 8.28
C CYS B 36 -24.35 6.00 8.64
N PRO B 37 -24.27 5.12 7.59
CA PRO B 37 -24.17 3.66 7.82
C PRO B 37 -22.99 3.21 8.66
N GLU B 38 -23.22 2.24 9.56
CA GLU B 38 -22.16 1.73 10.40
C GLU B 38 -22.18 0.19 10.50
N ASP B 39 -22.97 -0.47 9.62
CA ASP B 39 -23.15 -1.93 9.58
C ASP B 39 -22.06 -2.63 8.69
N TYR B 40 -20.87 -2.03 8.58
CA TYR B 40 -19.75 -2.54 7.79
C TYR B 40 -18.43 -1.90 8.26
N LYS B 41 -17.29 -2.45 7.80
CA LYS B 41 -15.98 -1.90 8.11
C LYS B 41 -15.41 -1.25 6.87
N TYR B 42 -15.19 0.11 6.92
CA TYR B 42 -14.56 0.84 5.80
C TYR B 42 -13.10 0.41 5.69
N ILE B 43 -12.68 -0.02 4.49
CA ILE B 43 -11.30 -0.39 4.16
C ILE B 43 -10.96 0.25 2.82
N SER B 44 -9.75 0.80 2.71
CA SER B 44 -9.35 1.43 1.46
C SER B 44 -8.82 0.41 0.45
N GLU B 45 -8.36 -0.76 0.93
CA GLU B 45 -7.77 -1.84 0.14
C GLU B 45 -8.37 -3.17 0.49
N ASN B 46 -8.48 -4.04 -0.53
CA ASN B 46 -9.03 -5.38 -0.42
C ASN B 46 -8.35 -6.17 0.72
N CYS B 47 -9.15 -6.99 1.43
CA CYS B 47 -8.68 -7.82 2.55
C CYS B 47 -9.01 -9.29 2.31
N GLU B 48 -8.44 -10.17 3.14
CA GLU B 48 -8.73 -11.62 3.10
C GLU B 48 -9.18 -12.08 4.48
N THR B 49 -10.04 -13.10 4.50
CA THR B 49 -10.56 -13.69 5.75
C THR B 49 -10.22 -15.18 5.79
N SER B 50 -9.40 -15.66 4.81
CA SER B 50 -8.92 -17.05 4.65
C SER B 50 -7.56 -17.05 3.92
N THR B 51 -6.88 -18.22 3.85
CA THR B 51 -5.57 -18.28 3.15
C THR B 51 -5.80 -18.17 1.65
N MET B 52 -5.47 -17.01 1.10
CA MET B 52 -5.66 -16.72 -0.32
C MET B 52 -4.37 -16.85 -1.08
N ASN B 53 -3.25 -16.51 -0.42
CA ASN B 53 -1.89 -16.56 -0.97
C ASN B 53 -1.78 -15.95 -2.37
N ILE B 54 -2.09 -14.66 -2.48
CA ILE B 54 -1.98 -13.97 -3.76
C ILE B 54 -0.49 -14.03 -4.21
N ASP B 55 -0.21 -14.44 -5.46
CA ASP B 55 1.16 -14.54 -5.99
C ASP B 55 1.79 -13.13 -5.99
N ARG B 56 2.63 -12.86 -4.97
CA ARG B 56 3.29 -11.57 -4.77
C ARG B 56 4.79 -11.64 -5.07
N ASN B 57 5.24 -12.73 -5.72
CA ASN B 57 6.63 -12.96 -6.09
C ASN B 57 7.03 -11.94 -7.13
N ILE B 58 7.96 -11.04 -6.75
CA ILE B 58 8.45 -9.94 -7.56
C ILE B 58 9.06 -10.41 -8.92
N THR B 59 9.66 -11.62 -8.95
CA THR B 59 10.27 -12.19 -10.16
C THR B 59 9.19 -12.68 -11.15
N HIS B 60 7.93 -12.82 -10.69
CA HIS B 60 6.80 -13.26 -11.51
C HIS B 60 6.12 -12.08 -12.18
N LEU B 61 6.58 -10.86 -11.89
CA LEU B 61 6.01 -9.64 -12.44
C LEU B 61 6.54 -9.33 -13.79
N GLN B 62 5.61 -9.12 -14.74
CA GLN B 62 5.95 -8.65 -16.07
C GLN B 62 6.06 -7.15 -15.89
N HIS B 63 7.14 -6.57 -16.41
CA HIS B 63 7.43 -5.16 -16.25
C HIS B 63 8.06 -4.58 -17.51
N CYS B 64 8.24 -3.26 -17.53
CA CYS B 64 8.82 -2.51 -18.64
C CYS B 64 10.25 -2.07 -18.31
N THR B 65 11.00 -1.66 -19.37
CA THR B 65 12.37 -1.20 -19.24
C THR B 65 12.46 0.30 -19.58
N CYS B 66 11.36 1.02 -19.41
CA CYS B 66 11.22 2.46 -19.72
C CYS B 66 12.05 3.36 -18.84
N VAL B 67 12.84 4.21 -19.49
CA VAL B 67 13.64 5.24 -18.87
C VAL B 67 12.90 6.58 -19.01
N ASP B 68 11.76 6.60 -19.75
CA ASP B 68 10.93 7.78 -19.95
C ASP B 68 9.78 7.78 -18.91
N ASP B 69 8.61 8.37 -19.23
CA ASP B 69 7.46 8.42 -18.31
C ASP B 69 6.37 7.39 -18.72
N CYS B 70 6.76 6.37 -19.50
CA CYS B 70 5.93 5.30 -20.07
C CYS B 70 4.81 5.82 -20.99
N SER B 71 5.11 6.86 -21.81
CA SER B 71 4.16 7.45 -22.76
C SER B 71 4.36 6.91 -24.19
N SER B 72 5.34 6.01 -24.37
CA SER B 72 5.67 5.43 -25.66
C SER B 72 4.92 4.11 -25.92
N SER B 73 4.85 3.72 -27.21
CA SER B 73 4.26 2.47 -27.70
C SER B 73 5.12 1.25 -27.27
N ASN B 74 6.38 1.51 -26.83
CA ASN B 74 7.34 0.49 -26.41
C ASN B 74 7.23 0.06 -24.93
N CYS B 75 6.34 0.65 -24.14
CA CYS B 75 6.14 0.24 -22.75
C CYS B 75 5.52 -1.16 -22.74
N LEU B 76 6.25 -2.19 -22.26
CA LEU B 76 5.78 -3.59 -22.20
C LEU B 76 4.44 -3.67 -21.45
N CYS B 77 4.31 -2.87 -20.38
CA CYS B 77 3.10 -2.81 -19.55
C CYS B 77 1.90 -2.28 -20.36
N GLY B 78 2.15 -1.29 -21.20
CA GLY B 78 1.16 -0.74 -22.12
C GLY B 78 0.75 -1.80 -23.14
N GLN B 79 1.74 -2.55 -23.65
CA GLN B 79 1.55 -3.64 -24.62
C GLN B 79 0.71 -4.79 -24.04
N LEU B 80 0.90 -5.10 -22.72
CA LEU B 80 0.14 -6.16 -22.02
C LEU B 80 -1.35 -5.80 -21.97
N SER B 81 -1.63 -4.47 -21.96
CA SER B 81 -2.96 -3.86 -21.94
C SER B 81 -3.43 -3.55 -23.40
N ILE B 82 -2.78 -4.15 -24.43
CA ILE B 82 -3.00 -3.93 -25.89
C ILE B 82 -2.22 -2.67 -26.29
N ARG B 83 -2.51 -1.55 -25.60
CA ARG B 83 -1.86 -0.23 -25.66
C ARG B 83 -2.17 0.41 -24.29
N CYS B 84 -1.40 1.41 -23.86
CA CYS B 84 -1.70 2.11 -22.61
C CYS B 84 -2.87 3.00 -22.99
N TRP B 85 -3.98 2.80 -22.25
CA TRP B 85 -5.27 3.46 -22.49
C TRP B 85 -5.43 4.79 -21.78
N TYR B 86 -4.38 5.24 -21.09
CA TYR B 86 -4.42 6.51 -20.37
C TYR B 86 -3.86 7.63 -21.21
N ASP B 87 -4.48 8.80 -21.16
CA ASP B 87 -3.97 9.99 -21.85
C ASP B 87 -2.98 10.70 -20.90
N LYS B 88 -2.49 11.87 -21.29
CA LYS B 88 -1.52 12.69 -20.56
C LYS B 88 -2.01 12.98 -19.11
N ASP B 89 -3.33 13.17 -18.96
CA ASP B 89 -4.00 13.52 -17.72
C ASP B 89 -4.53 12.32 -16.95
N GLY B 90 -4.33 11.12 -17.49
CA GLY B 90 -4.74 9.90 -16.79
C GLY B 90 -6.13 9.38 -17.08
N ARG B 91 -6.80 9.99 -18.05
CA ARG B 91 -8.13 9.59 -18.47
C ARG B 91 -8.05 8.53 -19.55
N LEU B 92 -8.99 7.57 -19.56
CA LEU B 92 -9.07 6.56 -20.60
C LEU B 92 -9.35 7.23 -21.95
N LEU B 93 -8.70 6.76 -23.02
CA LEU B 93 -8.87 7.25 -24.39
C LEU B 93 -10.29 6.98 -24.89
N GLN B 94 -10.83 7.85 -25.77
CA GLN B 94 -12.19 7.71 -26.32
C GLN B 94 -12.38 6.35 -27.01
N GLU B 95 -11.36 5.90 -27.77
CA GLU B 95 -11.30 4.62 -28.48
C GLU B 95 -11.41 3.38 -27.55
N PHE B 96 -11.32 3.56 -26.21
CA PHE B 96 -11.39 2.49 -25.21
C PHE B 96 -12.71 1.74 -25.33
N ASN B 97 -12.65 0.39 -25.50
CA ASN B 97 -13.84 -0.44 -25.60
C ASN B 97 -14.54 -0.44 -24.25
N LYS B 98 -15.70 0.26 -24.18
CA LYS B 98 -16.50 0.43 -22.96
C LYS B 98 -17.48 -0.74 -22.74
N ILE B 99 -17.85 -1.46 -23.83
CA ILE B 99 -18.75 -2.63 -23.80
C ILE B 99 -17.96 -3.88 -23.31
N GLU B 100 -16.85 -4.23 -24.01
CA GLU B 100 -15.96 -5.35 -23.69
C GLU B 100 -14.53 -4.78 -23.40
N PRO B 101 -14.29 -4.28 -22.16
CA PRO B 101 -12.98 -3.64 -21.87
C PRO B 101 -11.80 -4.58 -21.68
N PRO B 102 -10.57 -4.15 -22.08
CA PRO B 102 -9.41 -5.02 -21.85
C PRO B 102 -8.86 -4.91 -20.41
N LEU B 103 -8.00 -5.88 -20.05
CA LEU B 103 -7.30 -5.89 -18.77
C LEU B 103 -6.26 -4.78 -18.82
N ILE B 104 -6.09 -4.03 -17.71
CA ILE B 104 -5.09 -2.99 -17.63
C ILE B 104 -3.95 -3.48 -16.73
N PHE B 105 -2.73 -3.47 -17.26
CA PHE B 105 -1.54 -3.85 -16.51
C PHE B 105 -0.79 -2.56 -16.27
N GLU B 106 -0.94 -2.03 -15.06
CA GLU B 106 -0.27 -0.79 -14.69
C GLU B 106 1.19 -1.09 -14.38
N CYS B 107 2.03 -0.08 -14.37
CA CYS B 107 3.40 -0.28 -13.99
C CYS B 107 3.49 -0.70 -12.51
N ASN B 108 4.57 -1.38 -12.17
CA ASN B 108 4.75 -1.93 -10.83
C ASN B 108 6.15 -1.64 -10.29
N GLN B 109 6.45 -2.10 -9.08
CA GLN B 109 7.74 -1.99 -8.39
C GLN B 109 8.89 -2.74 -9.12
N ALA B 110 8.59 -3.55 -10.16
CA ALA B 110 9.66 -4.26 -10.91
C ALA B 110 10.06 -3.50 -12.18
N CYS B 111 9.26 -2.48 -12.57
CA CYS B 111 9.53 -1.61 -13.71
C CYS B 111 10.72 -0.74 -13.40
N SER B 112 11.33 -0.20 -14.41
CA SER B 112 12.50 0.66 -14.30
C SER B 112 12.11 2.12 -14.21
N CYS B 113 10.83 2.40 -14.53
CA CYS B 113 10.25 3.73 -14.51
C CYS B 113 10.05 4.25 -13.09
N TRP B 114 9.68 5.53 -12.98
CA TRP B 114 9.40 6.19 -11.73
C TRP B 114 7.97 5.99 -11.31
N ARG B 115 7.70 6.13 -10.00
CA ARG B 115 6.39 6.02 -9.35
C ARG B 115 5.34 6.98 -9.95
N ASN B 116 5.77 8.04 -10.64
CA ASN B 116 4.88 9.04 -11.23
C ASN B 116 4.80 8.94 -12.78
N CYS B 117 4.98 7.72 -13.34
CA CYS B 117 4.90 7.52 -14.79
C CYS B 117 3.42 7.59 -15.26
N LYS B 118 3.18 7.63 -16.59
CA LYS B 118 1.82 7.76 -17.12
C LYS B 118 0.93 6.46 -16.99
N ASN B 119 1.51 5.32 -16.58
CA ASN B 119 0.74 4.07 -16.45
C ASN B 119 0.55 3.64 -14.97
N ARG B 120 0.11 4.57 -14.10
CA ARG B 120 -0.07 4.31 -12.65
C ARG B 120 -1.32 5.06 -12.07
N VAL B 121 -2.41 5.09 -12.83
CA VAL B 121 -3.63 5.84 -12.50
C VAL B 121 -4.44 5.29 -11.29
N VAL B 122 -4.86 4.02 -11.37
CA VAL B 122 -5.66 3.38 -10.33
C VAL B 122 -4.84 3.26 -9.01
N GLN B 123 -3.54 2.91 -9.10
CA GLN B 123 -2.70 2.76 -7.90
C GLN B 123 -2.47 4.08 -7.17
N SER B 124 -2.79 5.23 -7.81
CA SER B 124 -2.62 6.54 -7.19
C SER B 124 -3.90 6.98 -6.45
N GLY B 125 -4.89 6.11 -6.40
CA GLY B 125 -6.15 6.32 -5.68
C GLY B 125 -7.10 7.38 -6.18
N ILE B 126 -8.18 7.58 -5.41
CA ILE B 126 -9.28 8.51 -5.63
C ILE B 126 -8.76 9.94 -5.71
N LYS B 127 -9.14 10.69 -6.78
CA LYS B 127 -8.76 12.10 -7.03
C LYS B 127 -9.99 13.02 -7.11
N VAL B 128 -11.18 12.47 -7.44
CA VAL B 128 -12.43 13.23 -7.55
C VAL B 128 -13.10 13.37 -6.19
N ARG B 129 -13.88 14.44 -6.02
CA ARG B 129 -14.60 14.75 -4.80
C ARG B 129 -15.97 14.10 -4.89
N LEU B 130 -16.17 13.09 -4.00
CA LEU B 130 -17.35 12.25 -3.91
C LEU B 130 -18.08 12.50 -2.63
N GLN B 131 -19.38 12.18 -2.63
CA GLN B 131 -20.22 12.29 -1.46
C GLN B 131 -21.09 11.07 -1.30
N LEU B 132 -21.22 10.60 -0.06
CA LEU B 132 -22.17 9.54 0.29
C LEU B 132 -23.41 10.32 0.70
N TYR B 133 -24.52 10.03 0.04
CA TYR B 133 -25.76 10.73 0.32
C TYR B 133 -26.97 9.77 0.33
N ARG B 134 -28.08 10.21 0.98
CA ARG B 134 -29.33 9.47 1.04
C ARG B 134 -30.21 9.86 -0.17
N THR B 135 -30.58 8.84 -0.98
CA THR B 135 -31.41 9.00 -2.18
C THR B 135 -32.91 8.99 -1.82
N ALA B 136 -33.79 9.09 -2.84
CA ALA B 136 -35.23 9.16 -2.62
C ALA B 136 -35.91 7.77 -2.61
N LYS B 137 -35.39 6.78 -3.36
CA LYS B 137 -36.01 5.47 -3.46
C LYS B 137 -34.98 4.29 -3.57
N MET B 138 -33.67 4.58 -3.45
CA MET B 138 -32.58 3.59 -3.56
C MET B 138 -31.66 3.51 -2.31
N GLY B 139 -32.05 4.14 -1.21
CA GLY B 139 -31.27 4.15 0.01
C GLY B 139 -30.06 5.07 -0.11
N TRP B 140 -28.87 4.56 0.25
CA TRP B 140 -27.67 5.38 0.12
C TRP B 140 -27.11 5.25 -1.29
N GLY B 141 -26.58 6.35 -1.78
CA GLY B 141 -25.96 6.43 -3.08
C GLY B 141 -24.70 7.26 -3.04
N VAL B 142 -23.97 7.31 -4.16
CA VAL B 142 -22.74 8.11 -4.28
C VAL B 142 -22.93 9.10 -5.43
N ARG B 143 -22.77 10.39 -5.14
CA ARG B 143 -22.87 11.46 -6.15
C ARG B 143 -21.56 12.24 -6.25
N ALA B 144 -21.42 12.99 -7.37
CA ALA B 144 -20.22 13.79 -7.63
C ALA B 144 -20.38 15.19 -7.03
N LEU B 145 -19.31 15.69 -6.38
CA LEU B 145 -19.28 17.04 -5.80
C LEU B 145 -18.56 17.99 -6.73
N GLN B 146 -18.15 17.48 -7.89
CA GLN B 146 -17.44 18.21 -8.94
C GLN B 146 -17.80 17.65 -10.32
N THR B 147 -17.47 18.40 -11.36
CA THR B 147 -17.67 17.90 -12.72
C THR B 147 -16.56 16.87 -12.99
N ILE B 148 -16.93 15.74 -13.61
CA ILE B 148 -15.99 14.66 -13.91
C ILE B 148 -15.99 14.34 -15.41
N PRO B 149 -14.85 14.58 -16.10
CA PRO B 149 -14.78 14.27 -17.52
C PRO B 149 -14.76 12.77 -17.78
N GLN B 150 -15.18 12.36 -18.99
CA GLN B 150 -15.21 10.96 -19.44
C GLN B 150 -13.84 10.30 -19.32
N GLY B 151 -13.83 9.08 -18.78
CA GLY B 151 -12.63 8.27 -18.66
C GLY B 151 -11.80 8.53 -17.42
N THR B 152 -12.31 9.37 -16.52
CA THR B 152 -11.63 9.67 -15.26
C THR B 152 -11.82 8.52 -14.29
N PHE B 153 -10.73 8.12 -13.62
CA PHE B 153 -10.81 7.11 -12.58
C PHE B 153 -11.60 7.71 -11.43
N ILE B 154 -12.58 6.96 -10.91
CA ILE B 154 -13.45 7.38 -9.80
C ILE B 154 -12.97 6.76 -8.46
N CYS B 155 -13.05 5.41 -8.37
CA CYS B 155 -12.73 4.61 -7.18
C CYS B 155 -12.68 3.12 -7.55
N GLU B 156 -12.22 2.31 -6.59
CA GLU B 156 -12.07 0.87 -6.72
C GLU B 156 -13.17 0.11 -6.00
N TYR B 157 -13.61 -1.05 -6.53
CA TYR B 157 -14.58 -1.86 -5.82
C TYR B 157 -13.79 -2.66 -4.82
N VAL B 158 -13.70 -2.14 -3.59
CA VAL B 158 -12.93 -2.74 -2.49
C VAL B 158 -13.86 -3.55 -1.58
N GLY B 159 -13.41 -4.75 -1.24
CA GLY B 159 -14.12 -5.65 -0.35
C GLY B 159 -13.27 -6.79 0.16
N GLU B 160 -13.93 -7.85 0.58
CA GLU B 160 -13.35 -9.05 1.12
C GLU B 160 -13.19 -10.06 -0.02
N LEU B 161 -11.98 -10.60 -0.14
CA LEU B 161 -11.65 -11.62 -1.15
C LEU B 161 -12.09 -12.99 -0.69
N ILE B 162 -13.10 -13.55 -1.36
CA ILE B 162 -13.73 -14.84 -1.01
C ILE B 162 -13.81 -15.77 -2.23
N SER B 163 -13.89 -17.08 -1.98
CA SER B 163 -13.98 -18.08 -3.06
C SER B 163 -15.44 -18.25 -3.52
N ASP B 164 -15.65 -18.89 -4.69
CA ASP B 164 -17.00 -19.16 -5.22
C ASP B 164 -17.83 -19.96 -4.21
N ALA B 165 -17.20 -21.02 -3.61
CA ALA B 165 -17.76 -21.92 -2.60
C ALA B 165 -18.19 -21.14 -1.36
N GLU B 166 -17.45 -20.07 -1.02
CA GLU B 166 -17.76 -19.16 0.10
C GLU B 166 -18.91 -18.22 -0.28
N ALA B 167 -18.87 -17.68 -1.52
CA ALA B 167 -19.89 -16.80 -2.07
C ALA B 167 -21.23 -17.52 -2.10
N ASP B 168 -21.23 -18.83 -2.41
CA ASP B 168 -22.44 -19.64 -2.42
C ASP B 168 -23.02 -19.90 -1.02
N VAL B 169 -22.20 -19.78 0.05
CA VAL B 169 -22.63 -20.04 1.43
C VAL B 169 -23.07 -18.76 2.17
N ARG B 170 -23.01 -17.59 1.49
CA ARG B 170 -23.37 -16.31 2.13
C ARG B 170 -24.83 -15.93 1.95
N GLU B 171 -25.47 -15.49 3.04
CA GLU B 171 -26.88 -15.07 3.07
C GLU B 171 -27.10 -13.81 2.23
N ASP B 172 -26.33 -12.72 2.51
CA ASP B 172 -26.43 -11.44 1.80
C ASP B 172 -25.51 -11.42 0.56
N ASP B 173 -26.13 -11.45 -0.64
CA ASP B 173 -25.42 -11.43 -1.93
C ASP B 173 -25.61 -10.11 -2.71
N SER B 174 -26.04 -9.03 -2.00
CA SER B 174 -26.28 -7.70 -2.56
C SER B 174 -25.01 -6.88 -2.78
N TYR B 175 -23.83 -7.37 -2.33
CA TYR B 175 -22.54 -6.67 -2.41
C TYR B 175 -21.44 -7.51 -3.08
N LEU B 176 -21.83 -8.54 -3.86
CA LEU B 176 -20.85 -9.39 -4.54
C LEU B 176 -20.49 -8.83 -5.89
N PHE B 177 -19.17 -8.83 -6.18
CA PHE B 177 -18.64 -8.49 -7.49
C PHE B 177 -17.91 -9.73 -7.96
N ASP B 178 -18.28 -10.20 -9.15
CA ASP B 178 -17.71 -11.42 -9.70
C ASP B 178 -16.40 -11.19 -10.42
N LEU B 179 -15.44 -12.12 -10.20
CA LEU B 179 -14.12 -12.09 -10.84
C LEU B 179 -13.92 -13.39 -11.61
N ASP B 180 -14.51 -13.48 -12.81
CA ASP B 180 -14.41 -14.68 -13.64
C ASP B 180 -13.26 -14.58 -14.67
N ASN B 181 -12.55 -15.71 -14.89
CA ASN B 181 -11.41 -15.80 -15.83
C ASN B 181 -11.56 -16.99 -16.76
N GLU B 185 -12.39 -21.64 -11.95
CA GLU B 185 -11.87 -20.97 -10.76
C GLU B 185 -12.34 -19.52 -10.72
N VAL B 186 -13.51 -19.28 -10.11
CA VAL B 186 -14.15 -17.97 -9.96
C VAL B 186 -13.99 -17.51 -8.49
N TYR B 187 -13.68 -16.22 -8.30
CA TYR B 187 -13.51 -15.59 -6.99
C TYR B 187 -14.41 -14.37 -6.91
N CYS B 188 -14.68 -13.90 -5.69
CA CYS B 188 -15.54 -12.75 -5.45
C CYS B 188 -14.93 -11.73 -4.53
N ILE B 189 -15.44 -10.50 -4.66
CA ILE B 189 -15.17 -9.40 -3.77
C ILE B 189 -16.52 -9.18 -3.08
N ASP B 190 -16.59 -9.42 -1.77
CA ASP B 190 -17.80 -9.19 -1.02
C ASP B 190 -17.60 -7.91 -0.22
N ALA B 191 -18.40 -6.88 -0.52
CA ALA B 191 -18.30 -5.59 0.15
C ALA B 191 -19.43 -5.40 1.18
N ARG B 192 -19.93 -6.51 1.75
CA ARG B 192 -20.99 -6.48 2.76
C ARG B 192 -20.42 -6.19 4.18
N TYR B 193 -19.35 -6.90 4.58
CA TYR B 193 -18.82 -6.75 5.93
C TYR B 193 -17.67 -5.79 5.98
N TYR B 194 -16.85 -5.80 4.92
CA TYR B 194 -15.66 -4.98 4.67
C TYR B 194 -15.81 -4.41 3.27
N GLY B 195 -15.67 -3.09 3.13
CA GLY B 195 -15.76 -2.43 1.84
C GLY B 195 -15.40 -0.96 1.86
N ASN B 196 -15.43 -0.34 0.68
CA ASN B 196 -15.13 1.08 0.62
C ASN B 196 -16.36 1.85 0.15
N ILE B 197 -16.20 3.10 -0.31
CA ILE B 197 -17.23 3.96 -0.85
C ILE B 197 -18.05 3.30 -2.02
N SER B 198 -17.40 2.46 -2.83
CA SER B 198 -18.03 1.84 -3.99
C SER B 198 -19.16 0.86 -3.62
N ARG B 199 -19.26 0.52 -2.33
CA ARG B 199 -20.30 -0.39 -1.82
C ARG B 199 -21.65 0.31 -1.79
N PHE B 200 -21.66 1.65 -1.96
CA PHE B 200 -22.87 2.44 -1.94
C PHE B 200 -23.27 2.91 -3.34
N ILE B 201 -22.54 2.46 -4.37
CA ILE B 201 -22.87 2.84 -5.75
C ILE B 201 -24.05 2.00 -6.22
N ASN B 202 -25.15 2.67 -6.57
CA ASN B 202 -26.39 2.02 -7.01
C ASN B 202 -26.37 1.60 -8.47
N HIS B 203 -27.37 0.81 -8.88
CA HIS B 203 -27.53 0.39 -10.25
C HIS B 203 -28.29 1.48 -11.02
N LEU B 204 -27.80 1.81 -12.21
CA LEU B 204 -28.49 2.74 -13.09
C LEU B 204 -28.67 2.07 -14.44
N CYS B 205 -29.92 2.08 -14.98
CA CYS B 205 -30.22 1.53 -16.31
C CYS B 205 -29.55 2.40 -17.38
N ASP B 206 -29.31 3.71 -17.08
CA ASP B 206 -28.52 4.68 -17.86
C ASP B 206 -27.24 4.91 -16.99
N PRO B 207 -26.19 4.05 -17.11
CA PRO B 207 -25.02 4.21 -16.22
C PRO B 207 -24.01 5.23 -16.70
N ASN B 208 -23.28 5.83 -15.75
CA ASN B 208 -22.26 6.84 -16.06
C ASN B 208 -20.85 6.36 -15.70
N ILE B 209 -20.72 5.16 -15.11
CA ILE B 209 -19.42 4.59 -14.76
C ILE B 209 -19.35 3.14 -15.26
N ILE B 210 -18.14 2.65 -15.56
CA ILE B 210 -17.89 1.30 -16.06
C ILE B 210 -16.80 0.61 -15.22
N PRO B 211 -16.98 -0.70 -14.92
CA PRO B 211 -15.92 -1.42 -14.19
C PRO B 211 -14.83 -1.93 -15.11
N VAL B 212 -13.56 -1.86 -14.66
CA VAL B 212 -12.37 -2.31 -15.42
C VAL B 212 -11.48 -3.17 -14.51
N ARG B 213 -11.03 -4.33 -15.04
CA ARG B 213 -10.14 -5.26 -14.35
C ARG B 213 -8.70 -4.72 -14.48
N VAL B 214 -8.06 -4.43 -13.34
CA VAL B 214 -6.72 -3.84 -13.31
C VAL B 214 -5.76 -4.68 -12.48
N PHE B 215 -4.50 -4.70 -12.93
CA PHE B 215 -3.37 -5.32 -12.27
C PHE B 215 -2.35 -4.24 -11.99
N MET B 216 -1.84 -4.24 -10.74
CA MET B 216 -0.83 -3.29 -10.30
C MET B 216 0.35 -3.98 -9.61
N LEU B 217 0.36 -4.06 -8.27
CA LEU B 217 1.45 -4.63 -7.46
C LEU B 217 1.62 -6.14 -7.57
N HIS B 218 0.63 -6.83 -8.14
CA HIS B 218 0.68 -8.29 -8.37
C HIS B 218 0.01 -8.56 -9.72
N GLN B 219 0.27 -9.75 -10.30
CA GLN B 219 -0.35 -10.14 -11.57
C GLN B 219 -0.93 -11.54 -11.46
N ASP B 220 -1.47 -11.88 -10.26
CA ASP B 220 -2.17 -13.12 -9.97
C ASP B 220 -3.52 -12.94 -10.65
N LEU B 221 -3.67 -13.53 -11.86
CA LEU B 221 -4.84 -13.40 -12.73
C LEU B 221 -6.16 -13.80 -12.09
N ARG B 222 -6.13 -14.53 -10.95
CA ARG B 222 -7.32 -14.93 -10.16
C ARG B 222 -7.95 -13.70 -9.50
N PHE B 223 -7.11 -12.68 -9.17
CA PHE B 223 -7.55 -11.51 -8.43
C PHE B 223 -7.38 -10.18 -9.16
N PRO B 224 -8.12 -9.90 -10.25
CA PRO B 224 -8.07 -8.54 -10.80
C PRO B 224 -8.69 -7.59 -9.79
N ARG B 225 -8.27 -6.32 -9.82
CA ARG B 225 -8.84 -5.29 -8.96
C ARG B 225 -9.77 -4.49 -9.86
N ILE B 226 -10.96 -4.20 -9.34
CA ILE B 226 -12.00 -3.49 -10.09
C ILE B 226 -11.88 -1.96 -9.98
N ALA B 227 -11.68 -1.29 -11.11
CA ALA B 227 -11.61 0.18 -11.14
C ALA B 227 -12.78 0.72 -11.90
N PHE B 228 -13.46 1.69 -11.29
CA PHE B 228 -14.58 2.38 -11.91
C PHE B 228 -14.06 3.64 -12.54
N PHE B 229 -14.39 3.80 -13.84
CA PHE B 229 -14.06 4.94 -14.69
C PHE B 229 -15.35 5.54 -15.22
N SER B 230 -15.39 6.86 -15.39
CA SER B 230 -16.57 7.52 -15.96
C SER B 230 -16.71 7.11 -17.41
N SER B 231 -17.93 6.77 -17.86
CA SER B 231 -18.20 6.37 -19.24
C SER B 231 -18.58 7.61 -20.09
N ARG B 232 -18.85 8.74 -19.43
CA ARG B 232 -19.23 10.03 -20.04
C ARG B 232 -18.94 11.19 -19.08
N ASP B 233 -19.17 12.44 -19.52
CA ASP B 233 -18.97 13.62 -18.67
C ASP B 233 -20.07 13.67 -17.63
N ILE B 234 -19.68 13.74 -16.35
CA ILE B 234 -20.63 13.72 -15.24
C ILE B 234 -20.75 15.11 -14.62
N ARG B 235 -21.99 15.63 -14.57
CA ARG B 235 -22.32 16.93 -13.99
C ARG B 235 -22.18 16.86 -12.45
N THR B 236 -22.08 18.04 -11.80
CA THR B 236 -21.98 18.12 -10.33
C THR B 236 -23.35 17.72 -9.75
N GLY B 237 -23.34 16.99 -8.64
CA GLY B 237 -24.56 16.52 -7.99
C GLY B 237 -25.11 15.22 -8.54
N GLU B 238 -24.72 14.86 -9.78
CA GLU B 238 -25.17 13.67 -10.50
C GLU B 238 -24.75 12.38 -9.80
N GLU B 239 -25.71 11.46 -9.62
CA GLU B 239 -25.47 10.20 -8.98
C GLU B 239 -24.73 9.26 -9.90
N LEU B 240 -23.69 8.60 -9.36
CA LEU B 240 -22.88 7.61 -10.05
C LEU B 240 -23.55 6.24 -9.97
N GLY B 241 -23.39 5.47 -11.01
CA GLY B 241 -23.99 4.15 -11.10
C GLY B 241 -23.51 3.37 -12.30
N PHE B 242 -23.45 2.06 -12.13
CA PHE B 242 -23.05 1.12 -13.16
C PHE B 242 -24.14 0.07 -13.33
N ASP B 243 -24.14 -0.64 -14.44
CA ASP B 243 -25.09 -1.70 -14.71
C ASP B 243 -24.61 -2.94 -13.93
N TYR B 244 -25.42 -3.36 -12.94
CA TYR B 244 -25.13 -4.53 -12.11
C TYR B 244 -25.20 -5.82 -12.91
N GLY B 245 -25.87 -5.79 -14.06
CA GLY B 245 -26.05 -6.94 -14.93
C GLY B 245 -27.35 -7.64 -14.68
N ASP B 246 -27.87 -8.35 -15.70
CA ASP B 246 -29.14 -9.06 -15.63
C ASP B 246 -29.16 -10.16 -14.58
N ARG B 247 -28.00 -10.79 -14.29
CA ARG B 247 -27.89 -11.85 -13.27
C ARG B 247 -28.36 -11.39 -11.87
N PHE B 248 -28.05 -10.13 -11.50
CA PHE B 248 -28.46 -9.52 -10.24
C PHE B 248 -29.99 -9.33 -10.23
N TRP B 249 -30.54 -8.76 -11.32
CA TRP B 249 -31.98 -8.49 -11.46
C TRP B 249 -32.79 -9.75 -11.71
N ASP B 250 -32.14 -10.85 -12.08
CA ASP B 250 -32.82 -12.13 -12.24
C ASP B 250 -32.97 -12.69 -10.83
N ILE B 251 -31.94 -12.46 -9.97
CA ILE B 251 -31.97 -12.90 -8.59
C ILE B 251 -32.91 -12.02 -7.78
N LYS B 252 -32.58 -10.72 -7.69
CA LYS B 252 -33.24 -9.73 -6.87
C LYS B 252 -34.61 -9.20 -7.34
N SER B 253 -35.07 -9.50 -8.59
CA SER B 253 -36.42 -9.04 -9.05
C SER B 253 -37.57 -9.66 -8.24
N LYS B 254 -37.40 -10.93 -7.80
CA LYS B 254 -38.38 -11.66 -7.00
C LYS B 254 -38.61 -10.99 -5.62
N TYR B 255 -37.81 -9.94 -5.26
CA TYR B 255 -37.89 -9.22 -3.98
C TYR B 255 -38.09 -7.70 -4.12
N PHE B 256 -37.42 -7.03 -5.09
CA PHE B 256 -37.54 -5.58 -5.33
C PHE B 256 -37.30 -5.19 -6.79
N THR B 257 -37.82 -4.03 -7.23
CA THR B 257 -37.66 -3.57 -8.63
C THR B 257 -36.80 -2.31 -8.70
N CYS B 258 -36.24 -1.99 -9.90
CA CYS B 258 -35.37 -0.82 -10.09
C CYS B 258 -36.11 0.50 -9.93
N GLN B 259 -35.42 1.44 -9.25
CA GLN B 259 -35.92 2.78 -8.96
C GLN B 259 -35.04 3.88 -9.56
N CYS B 260 -34.18 3.53 -10.54
CA CYS B 260 -33.27 4.49 -11.21
C CYS B 260 -34.06 5.64 -11.87
N GLY B 261 -35.30 5.37 -12.25
CA GLY B 261 -36.20 6.36 -12.82
C GLY B 261 -35.89 6.79 -14.24
N SER B 262 -34.97 6.08 -14.95
CA SER B 262 -34.63 6.40 -16.32
C SER B 262 -35.78 6.07 -17.27
N GLU B 263 -35.92 6.84 -18.36
CA GLU B 263 -36.95 6.60 -19.38
C GLU B 263 -36.63 5.29 -20.13
N LYS B 264 -35.31 4.93 -20.20
CA LYS B 264 -34.77 3.70 -20.80
C LYS B 264 -34.50 2.65 -19.69
N CYS B 265 -35.37 2.60 -18.64
CA CYS B 265 -35.25 1.66 -17.53
C CYS B 265 -35.68 0.27 -17.97
N LYS B 266 -34.81 -0.71 -17.78
CA LYS B 266 -35.06 -2.09 -18.19
C LYS B 266 -35.58 -2.99 -17.04
N HIS B 267 -35.50 -2.53 -15.77
CA HIS B 267 -35.83 -3.35 -14.61
C HIS B 267 -36.85 -2.75 -13.66
N SER B 268 -37.59 -1.74 -14.09
CA SER B 268 -38.66 -1.16 -13.28
C SER B 268 -39.83 -2.14 -13.28
N ALA B 269 -40.68 -2.08 -12.24
CA ALA B 269 -41.89 -2.91 -12.10
C ALA B 269 -42.81 -2.71 -13.32
N GLU B 270 -42.76 -1.50 -13.94
CA GLU B 270 -43.47 -1.11 -15.15
C GLU B 270 -42.93 -1.84 -16.38
N ALA B 271 -41.58 -2.00 -16.45
CA ALA B 271 -40.89 -2.70 -17.55
C ALA B 271 -41.10 -4.22 -17.44
N ILE B 272 -41.04 -4.74 -16.20
CA ILE B 272 -41.23 -6.16 -15.89
C ILE B 272 -42.65 -6.62 -16.25
N ALA B 273 -43.68 -5.80 -15.89
CA ALA B 273 -45.10 -6.06 -16.16
C ALA B 273 -45.45 -5.97 -17.64
N LEU B 274 -44.68 -5.18 -18.42
CA LEU B 274 -44.87 -5.02 -19.87
C LEU B 274 -44.35 -6.26 -20.61
N GLU B 275 -43.23 -6.85 -20.12
CA GLU B 275 -42.62 -8.06 -20.70
C GLU B 275 -43.49 -9.30 -20.46
N GLN B 276 -44.02 -9.45 -19.22
CA GLN B 276 -44.91 -10.56 -18.85
C GLN B 276 -46.23 -10.48 -19.62
N SER B 277 -46.65 -9.26 -20.01
CA SER B 277 -47.85 -9.00 -20.81
C SER B 277 -47.56 -9.23 -22.30
N ARG B 278 -46.29 -9.05 -22.72
CA ARG B 278 -45.85 -9.28 -24.10
C ARG B 278 -45.80 -10.79 -24.36
N LEU B 279 -45.35 -11.58 -23.35
CA LEU B 279 -45.26 -13.04 -23.42
C LEU B 279 -46.65 -13.70 -23.42
N ALA B 280 -47.61 -13.15 -22.64
CA ALA B 280 -48.99 -13.64 -22.54
C ALA B 280 -49.80 -13.35 -23.82
N ARG B 281 -49.38 -12.30 -24.55
CA ARG B 281 -50.02 -11.92 -25.82
C ARG B 281 -49.51 -12.85 -26.93
N LEU B 282 -48.25 -13.32 -26.83
CA LEU B 282 -47.59 -14.21 -27.79
C LEU B 282 -48.00 -15.70 -27.65
N ASP B 283 -47.59 -16.35 -26.53
CA ASP B 283 -47.88 -17.76 -26.24
C ASP B 283 -48.77 -17.95 -25.00
ZN ZN C . -5.11 0.59 16.94
ZN ZN D . -4.91 4.40 16.11
ZN ZN E . -6.20 3.11 19.51
ZN ZN F . 34.62 1.22 14.42
N SAH G . 29.20 0.77 2.34
CA SAH G . 28.27 -0.11 1.64
CB SAH G . 26.90 -0.10 2.32
CG SAH G . 26.92 -0.82 3.66
SD SAH G . 26.48 -2.58 3.50
C SAH G . 28.26 0.10 0.14
O SAH G . 27.47 -0.49 -0.59
OXT SAH G . 29.14 0.92 -0.41
C5' SAH G . 27.81 -3.36 4.47
C4' SAH G . 29.24 -3.17 3.87
O4' SAH G . 29.71 -1.78 3.90
C3' SAH G . 30.26 -3.86 4.73
O3' SAH G . 30.24 -5.23 4.44
C2' SAH G . 31.55 -3.14 4.21
O2' SAH G . 31.82 -3.42 2.83
C1' SAH G . 31.10 -1.69 4.29
N9 SAH G . 31.21 -1.12 5.64
C8 SAH G . 30.17 -0.74 6.43
N7 SAH G . 30.61 -0.26 7.57
C5 SAH G . 31.93 -0.30 7.59
C6 SAH G . 32.92 0.05 8.55
N6 SAH G . 32.58 0.60 9.76
N1 SAH G . 34.20 -0.13 8.23
C2 SAH G . 34.56 -0.66 7.03
N3 SAH G . 33.64 -1.02 6.10
C4 SAH G . 32.34 -0.86 6.33
N1 CIQ H . 23.99 -15.66 8.41
C2 CIQ H . 22.88 -15.11 8.93
N3 CIQ H . 22.83 -13.80 9.21
C4 CIQ H . 23.87 -13.00 8.94
C5 CIQ H . 25.02 -13.54 8.35
C6 CIQ H . 25.06 -14.90 8.09
CAA CIQ H . 28.30 -11.02 8.66
CAB CIQ H . 27.97 -20.78 4.23
CAC CIQ H . 27.20 -19.25 2.40
CAD CIQ H . 23.79 -11.64 9.22
CAE CIQ H . 26.10 -12.69 8.06
CAF CIQ H . 21.03 -18.74 10.18
CAG CIQ H . 20.76 -17.52 11.06
CAH CIQ H . 20.80 -18.38 8.71
CAI CIQ H . 24.13 -5.33 6.84
CAJ CIQ H . 22.66 -5.30 7.30
CAK CIQ H . 23.63 -7.99 10.81
CAL CIQ H . 24.41 -9.29 10.60
CAM CIQ H . 21.73 -16.39 10.71
CAN CIQ H . 21.72 -17.23 8.28
CAO CIQ H . 25.96 -16.36 5.25
CAP CIQ H . 26.93 -17.79 7.09
CAQ CIQ H . 24.91 -6.02 7.98
CAR CIQ H . 22.72 -5.81 8.75
CAS CIQ H . 24.35 -6.81 10.15
CAT CIQ H . 25.94 -17.61 4.37
CAU CIQ H . 26.82 -18.99 6.15
NAX CIQ H . 26.11 -15.50 7.54
OAY CIQ H . 27.09 -10.52 8.08
OAZ CIQ H . 24.80 -9.47 9.22
CBA CIQ H . 26.03 -11.33 8.38
CBB CIQ H . 24.88 -10.80 8.96
CBG CIQ H . 26.96 -19.71 3.84
CBH CIQ H . 25.89 -16.72 6.74
CBI CIQ H . 21.68 -16.01 9.23
NBJ CIQ H . 23.88 -6.70 8.76
NBK CIQ H . 27.02 -18.55 4.74
UNK UNX I . 19.28 11.86 -11.93
UNK UNX J . 11.78 9.93 8.00
UNK UNX K . 5.43 -9.19 -0.07
UNK UNX L . 9.27 12.18 -4.34
UNK UNX M . 14.03 -0.86 24.38
UNK UNX N . 2.75 1.03 19.94
UNK UNX O . 16.20 12.77 0.91
UNK UNX P . 5.11 7.78 -3.15
UNK UNX Q . 5.45 2.23 4.29
UNK UNX R . 2.82 0.61 5.45
UNK UNX S . 3.62 -20.90 7.21
UNK UNX T . 17.17 2.42 26.61
UNK UNX U . 10.80 0.54 26.19
UNK UNX V . 4.75 -5.91 10.40
UNK UNX W . 4.91 -0.86 -3.47
UNK UNX X . 7.18 -9.05 -3.20
ZN ZN Y . 5.94 -0.75 -16.48
ZN ZN Z . 5.82 3.08 -15.91
ZN ZN AA . 7.02 1.60 -19.27
ZN ZN BA . -33.76 1.12 -13.86
N SAH CA . -28.18 1.57 -1.95
CA SAH CA . -27.29 0.71 -1.19
CB SAH CA . -25.92 0.63 -1.85
CG SAH CA . -25.96 -0.19 -3.13
SD SAH CA . -25.60 -1.95 -2.78
C SAH CA . -27.26 1.04 0.32
O SAH CA . -26.49 0.49 1.09
OXT SAH CA . -28.13 1.94 0.80
C5' SAH CA . -26.95 -2.77 -3.70
C4' SAH CA . -28.36 -2.47 -3.13
O4' SAH CA . -28.77 -1.08 -3.29
C3' SAH CA . -29.43 -3.21 -3.90
O3' SAH CA . -29.47 -4.55 -3.51
C2' SAH CA . -30.68 -2.44 -3.46
O2' SAH CA . -30.94 -2.60 -2.07
C1' SAH CA . -30.17 -0.99 -3.68
N9 SAH CA . -30.27 -0.54 -5.06
C8 SAH CA . -29.23 -0.25 -5.89
N7 SAH CA . -29.66 0.15 -7.03
C5 SAH CA . -31.00 0.15 -7.06
C6 SAH CA . -31.98 0.44 -8.02
N6 SAH CA . -31.64 0.88 -9.26
N1 SAH CA . -33.28 0.30 -7.68
C2 SAH CA . -33.65 -0.12 -6.43
N3 SAH CA . -32.73 -0.41 -5.50
C4 SAH CA . -31.41 -0.30 -5.77
N1 CIQ DA . -23.45 -15.38 -6.75
C2 CIQ DA . -22.38 -14.95 -7.43
N3 CIQ DA . -22.30 -13.67 -7.86
C4 CIQ DA . -23.29 -12.79 -7.59
C5 CIQ DA . -24.41 -13.23 -6.87
C6 CIQ DA . -24.48 -14.56 -6.47
CAA CIQ DA . -27.68 -10.73 -6.90
CAB CIQ DA . -27.19 -20.50 -2.99
CAC CIQ DA . -27.43 -18.95 -0.97
CAD CIQ DA . -23.23 -11.46 -8.04
CAE CIQ DA . -25.43 -12.33 -6.56
CAF CIQ DA . -20.19 -18.64 -8.31
CAG CIQ DA . -20.37 -17.60 -9.42
CAH CIQ DA . -20.08 -18.00 -6.92
CAI CIQ DA . -23.19 -4.84 -5.81
CAJ CIQ DA . -21.81 -4.84 -6.48
CAK CIQ DA . -23.09 -7.68 -9.67
CAL CIQ DA . -23.75 -9.06 -9.48
CAM CIQ DA . -21.49 -16.61 -9.11
CAN CIQ DA . -21.26 -17.05 -6.69
CAO CIQ DA . -25.41 -15.95 -3.49
CAP CIQ DA . -26.42 -17.26 -5.42
CAQ CIQ DA . -24.13 -5.37 -6.90
CAR CIQ DA . -21.99 -5.63 -7.78
CAS CIQ DA . -23.86 -6.55 -8.97
CAT CIQ DA . -25.48 -17.24 -2.65
CAU CIQ DA . -26.40 -18.49 -4.51
NAX CIQ DA . -25.50 -15.02 -5.73
OAY CIQ DA . -26.38 -10.16 -6.69
OAZ CIQ DA . -24.21 -9.26 -8.12
CBA CIQ DA . -25.39 -11.01 -7.03
CBB CIQ DA . -24.28 -10.58 -7.76
CBG CIQ DA . -26.65 -19.27 -2.25
CBH CIQ DA . -25.33 -16.26 -4.99
CBI CIQ DA . -21.26 -15.95 -7.75
NBJ CIQ DA . -23.28 -6.32 -7.64
NBK CIQ DA . -26.60 -18.08 -3.12
UNK UNX EA . -11.32 -4.92 -18.05
UNK UNX FA . -2.64 -6.12 -9.15
UNK UNX GA . 0.45 -0.56 -0.01
UNK UNX HA . -17.43 -6.36 9.91
UNK UNX IA . -4.78 6.27 -2.23
UNK UNX JA . -4.79 2.64 -3.98
UNK UNX KA . 8.17 9.46 -15.16
UNK UNX LA . -5.33 -6.78 -9.66
UNK UNX MA . 7.96 4.55 -22.55
UNK UNX NA . -10.09 9.89 3.26
UNK UNX OA . -34.58 5.72 0.53
UNK UNX PA . -23.89 -14.56 -11.43
UNK UNX QA . -6.09 -7.59 -4.32
#